data_7XES
#
_entry.id   7XES
#
_cell.length_a   102.936
_cell.length_b   102.936
_cell.length_c   132.067
_cell.angle_alpha   90.000
_cell.angle_beta   90.000
_cell.angle_gamma   90.000
#
_symmetry.space_group_name_H-M   'P 41 21 2'
#
loop_
_entity.id
_entity.type
_entity.pdbx_description
1 polymer 'Cysteine desulfurase IscS'
2 non-polymer 'ISOPROPYL ALCOHOL'
3 non-polymer 'CHLORIDE ION'
4 non-polymer '(2~{R})-3-methyl-2-[(~{E})-[2-methyl-3-oxidanyl-5-(phosphonooxymethyl)pyridin-4-yl]methylideneamino]-3-sulfanyl-butanoic acid'
5 water water
#
_entity_poly.entity_id   1
_entity_poly.type   'polypeptide(L)'
_entity_poly.pdbx_seq_one_letter_code
;MVQRIYLDNNATTRIDPKVKEIMDPFLRDHYGNPSSLHQFGTETHPAIAEALDKLYKGINARDIDDVIITSCATESNNWV
LKGVYFDECLKKGKNHIVTTVAEHPAVRSTCNFLESLGVEVTYLPINEHGSITAEQVREAITEKTALVSVMWANNETGLI
FPIEEIGAICKEKGVLFHTDAVQAIGKIPVDVLKANADFLSFSAHKFHGPKGIGGLYIRSGVGLTPLFHGGEHMNGRRSG
TLNVPYIVGMGEAMKLAVEHLDYEKEVVGKLRDKLEEALLKIPDVMVVGDRIHRVPNTTLVSVRGIEGEAMLWDLNRSNI
AASTGSACASEDLEANPVMVAIGASKELAHTAIRLSLSRFNTEAEIDKTIEVFSQAAVRLRNISSSYVDLVPRGSHHHHH
H
;
_entity_poly.pdbx_strand_id   A
#
loop_
_chem_comp.id
_chem_comp.type
_chem_comp.name
_chem_comp.formula
9ZN non-polymer '(2~{R})-3-methyl-2-[(~{E})-[2-methyl-3-oxidanyl-5-(phosphonooxymethyl)pyridin-4-yl]methylideneamino]-3-sulfanyl-butanoic acid' 'C13 H19 N2 O7 P S'
CL non-polymer 'CHLORIDE ION' 'Cl -1'
IPA non-polymer 'ISOPROPYL ALCOHOL' 'C3 H8 O'
#
# COMPACT_ATOMS: atom_id res chain seq x y z
N VAL A 2 25.45 8.29 17.98
CA VAL A 2 23.98 8.74 17.73
C VAL A 2 22.86 7.65 17.93
N GLN A 3 21.70 8.07 18.42
CA GLN A 3 20.47 7.25 18.62
C GLN A 3 19.28 7.90 17.92
N ARG A 4 18.99 7.53 16.64
CA ARG A 4 17.90 8.08 15.82
C ARG A 4 16.56 7.36 16.04
N ILE A 5 15.44 8.10 15.87
CA ILE A 5 14.07 7.62 16.01
C ILE A 5 13.38 7.63 14.63
N TYR A 6 12.91 6.45 14.15
CA TYR A 6 12.32 6.27 12.82
C TYR A 6 10.77 6.37 12.80
N LEU A 7 10.23 7.40 12.15
CA LEU A 7 8.79 7.60 12.26
C LEU A 7 8.14 7.88 10.90
N ASP A 8 8.68 7.22 9.87
CA ASP A 8 8.34 7.44 8.47
C ASP A 8 8.01 6.12 7.77
N ASN A 9 7.13 5.36 8.40
CA ASN A 9 6.95 4.00 7.92
C ASN A 9 5.92 3.97 6.79
N ASN A 10 5.13 5.02 6.67
CA ASN A 10 4.24 5.08 5.53
C ASN A 10 5.03 5.39 4.27
N ALA A 11 6.33 5.68 4.44
CA ALA A 11 7.07 6.05 3.26
C ALA A 11 8.09 4.99 2.92
N THR A 12 8.61 4.26 3.91
CA THR A 12 9.34 3.01 3.70
C THR A 12 9.63 2.45 5.08
N THR A 13 10.08 1.20 5.12
CA THR A 13 10.25 0.62 6.43
C THR A 13 11.59 -0.11 6.42
N ARG A 14 12.08 -0.44 7.61
CA ARG A 14 13.31 -1.20 7.68
C ARG A 14 12.95 -2.64 7.38
N ILE A 15 13.68 -3.28 6.42
CA ILE A 15 13.69 -4.72 6.18
C ILE A 15 13.86 -5.47 7.49
N ASP A 16 12.94 -6.38 7.85
CA ASP A 16 13.08 -7.18 9.06
C ASP A 16 14.31 -8.09 8.95
N PRO A 17 15.00 -8.31 10.08
CA PRO A 17 16.19 -9.16 10.09
C PRO A 17 15.92 -10.59 9.61
N LYS A 18 14.74 -11.19 9.96
CA LYS A 18 14.42 -12.51 9.42
C LYS A 18 14.25 -12.36 7.90
N VAL A 19 13.74 -11.21 7.46
CA VAL A 19 13.60 -11.08 6.03
C VAL A 19 15.00 -11.03 5.39
N LYS A 20 15.88 -10.24 6.03
CA LYS A 20 17.18 -9.98 5.44
C LYS A 20 17.94 -11.30 5.31
N GLU A 21 17.73 -12.12 6.31
CA GLU A 21 18.41 -13.38 6.50
C GLU A 21 17.91 -14.41 5.50
N ILE A 22 16.58 -14.46 5.28
CA ILE A 22 16.00 -15.51 4.46
C ILE A 22 16.42 -15.34 3.00
N MET A 23 16.61 -14.09 2.57
CA MET A 23 17.11 -13.72 1.27
C MET A 23 18.59 -14.06 1.05
N ASP A 24 19.39 -14.07 2.13
CA ASP A 24 20.83 -13.97 1.91
C ASP A 24 21.34 -15.10 1.00
N PRO A 25 20.80 -16.33 1.09
CA PRO A 25 21.37 -17.45 0.35
C PRO A 25 21.13 -17.36 -1.15
N PHE A 26 20.13 -16.56 -1.55
CA PHE A 26 19.85 -16.29 -2.95
C PHE A 26 20.72 -15.18 -3.52
N LEU A 27 21.45 -14.50 -2.63
CA LEU A 27 22.46 -13.53 -3.04
C LEU A 27 23.84 -14.19 -3.01
N ARG A 28 24.01 -15.24 -2.17
CA ARG A 28 25.21 -16.07 -2.15
C ARG A 28 25.09 -17.19 -3.18
N ASP A 29 24.53 -18.35 -2.85
CA ASP A 29 24.91 -19.52 -3.66
C ASP A 29 23.78 -20.10 -4.47
N HIS A 30 22.58 -19.61 -4.28
CA HIS A 30 21.45 -20.22 -4.91
C HIS A 30 20.96 -19.21 -5.90
N TYR A 31 21.78 -19.06 -6.94
CA TYR A 31 21.72 -17.84 -7.74
C TYR A 31 21.12 -18.22 -9.07
N GLY A 32 20.66 -19.46 -9.23
CA GLY A 32 20.30 -19.79 -10.59
C GLY A 32 18.94 -19.23 -11.01
N ASN A 33 18.71 -19.24 -12.34
CA ASN A 33 17.49 -18.74 -12.97
C ASN A 33 16.40 -19.78 -12.74
N PRO A 34 15.31 -19.46 -11.98
CA PRO A 34 14.22 -20.41 -11.73
C PRO A 34 13.69 -21.05 -13.02
N SER A 35 13.81 -20.34 -14.15
CA SER A 35 13.37 -20.87 -15.42
C SER A 35 14.30 -21.95 -15.97
N SER A 36 15.59 -21.98 -15.57
CA SER A 36 16.52 -22.95 -16.16
C SER A 36 16.03 -24.33 -15.75
N LEU A 37 16.34 -25.38 -16.54
CA LEU A 37 15.93 -26.73 -16.10
C LEU A 37 16.93 -27.49 -15.21
N HIS A 38 18.21 -27.06 -15.26
CA HIS A 38 19.20 -27.73 -14.45
C HIS A 38 18.98 -27.47 -12.95
N GLN A 39 19.85 -28.08 -12.13
CA GLN A 39 19.79 -28.02 -10.68
C GLN A 39 19.80 -26.58 -10.17
N PHE A 40 20.47 -25.65 -10.86
CA PHE A 40 20.59 -24.35 -10.24
C PHE A 40 19.25 -23.63 -10.22
N GLY A 41 18.43 -24.00 -11.24
CA GLY A 41 17.08 -23.52 -11.45
C GLY A 41 16.10 -24.20 -10.51
N THR A 42 16.19 -25.52 -10.53
CA THR A 42 15.20 -26.32 -9.81
C THR A 42 15.38 -26.12 -8.29
N GLU A 43 16.62 -25.90 -7.83
CA GLU A 43 16.81 -25.60 -6.44
C GLU A 43 15.89 -24.48 -5.94
N THR A 44 15.64 -23.47 -6.75
CA THR A 44 15.01 -22.26 -6.25
C THR A 44 13.50 -22.47 -6.06
N HIS A 45 13.04 -23.62 -6.56
CA HIS A 45 11.63 -23.85 -6.76
C HIS A 45 10.90 -23.86 -5.42
N PRO A 46 11.27 -24.81 -4.54
CA PRO A 46 10.64 -24.93 -3.23
C PRO A 46 10.57 -23.60 -2.49
N ALA A 47 11.61 -22.78 -2.55
CA ALA A 47 11.59 -21.60 -1.71
C ALA A 47 10.70 -20.53 -2.32
N ILE A 48 10.64 -20.40 -3.66
CA ILE A 48 9.68 -19.55 -4.35
C ILE A 48 8.24 -19.96 -4.04
N ALA A 49 7.95 -21.23 -4.22
CA ALA A 49 6.68 -21.77 -3.83
C ALA A 49 6.27 -21.42 -2.40
N GLU A 50 7.10 -21.65 -1.40
CA GLU A 50 6.68 -21.28 -0.05
C GLU A 50 6.51 -19.77 0.07
N ALA A 51 7.29 -19.01 -0.71
CA ALA A 51 7.15 -17.56 -0.63
C ALA A 51 5.77 -17.15 -1.11
N LEU A 52 5.42 -17.68 -2.29
CA LEU A 52 4.14 -17.39 -2.92
C LEU A 52 3.01 -17.84 -2.01
N ASP A 53 3.17 -18.99 -1.35
CA ASP A 53 2.17 -19.53 -0.46
C ASP A 53 1.83 -18.45 0.57
N LYS A 54 2.89 -17.85 1.13
CA LYS A 54 2.73 -16.96 2.26
C LYS A 54 1.98 -15.72 1.77
N LEU A 55 2.12 -15.42 0.48
CA LEU A 55 1.59 -14.21 -0.12
C LEU A 55 0.08 -14.34 -0.26
N TYR A 56 -0.35 -15.47 -0.89
CA TYR A 56 -1.76 -15.80 -1.01
C TYR A 56 -2.32 -15.92 0.42
N LYS A 57 -1.59 -16.59 1.30
CA LYS A 57 -2.07 -16.81 2.66
C LYS A 57 -2.32 -15.44 3.29
N GLY A 58 -1.59 -14.43 2.87
CA GLY A 58 -1.61 -13.19 3.61
C GLY A 58 -2.82 -12.38 3.17
N ILE A 59 -3.24 -12.57 1.94
CA ILE A 59 -4.34 -11.71 1.52
C ILE A 59 -5.59 -12.56 1.32
N ASN A 60 -5.45 -13.84 1.65
CA ASN A 60 -6.59 -14.73 1.55
C ASN A 60 -7.00 -14.91 0.09
N ALA A 61 -6.00 -15.02 -0.77
CA ALA A 61 -6.26 -15.37 -2.14
C ALA A 61 -6.42 -16.87 -2.14
N ARG A 62 -7.12 -17.40 -3.16
CA ARG A 62 -7.38 -18.83 -3.30
C ARG A 62 -6.52 -19.37 -4.44
N ASP A 63 -6.25 -20.68 -4.41
CA ASP A 63 -5.42 -21.36 -5.39
C ASP A 63 -5.73 -20.98 -6.84
N ILE A 64 -6.89 -20.43 -7.15
CA ILE A 64 -7.24 -20.34 -8.58
C ILE A 64 -7.01 -18.90 -9.06
N ASP A 65 -6.72 -18.04 -8.10
CA ASP A 65 -6.31 -16.67 -8.34
C ASP A 65 -4.80 -16.61 -8.55
N ASP A 66 -4.37 -15.51 -9.19
CA ASP A 66 -3.00 -15.11 -9.31
C ASP A 66 -2.70 -14.08 -8.23
N VAL A 67 -1.51 -14.19 -7.70
CA VAL A 67 -0.82 -13.05 -7.12
C VAL A 67 0.48 -12.95 -7.91
N ILE A 68 0.54 -11.93 -8.78
CA ILE A 68 1.71 -11.80 -9.62
C ILE A 68 2.73 -10.89 -8.96
N ILE A 69 3.96 -11.34 -9.07
CA ILE A 69 5.11 -10.60 -8.56
C ILE A 69 5.48 -9.57 -9.63
N THR A 70 5.33 -8.27 -9.25
CA THR A 70 5.78 -7.08 -9.94
C THR A 70 7.01 -6.46 -9.22
N SER A 71 7.47 -5.29 -9.71
CA SER A 71 8.71 -4.73 -9.20
C SER A 71 8.37 -3.54 -8.31
N CYS A 72 7.07 -3.36 -7.97
CA CYS A 72 6.57 -2.38 -7.02
C CYS A 72 5.08 -2.14 -7.26
N ALA A 73 4.39 -1.54 -6.28
CA ALA A 73 2.97 -1.23 -6.41
C ALA A 73 2.76 -0.29 -7.61
N THR A 74 3.76 0.58 -7.85
CA THR A 74 3.65 1.52 -8.95
C THR A 74 3.42 0.69 -10.22
N GLU A 75 4.28 -0.34 -10.45
CA GLU A 75 4.07 -1.22 -11.60
C GLU A 75 2.66 -1.80 -11.58
N SER A 76 2.25 -2.42 -10.47
CA SER A 76 0.93 -3.02 -10.30
C SER A 76 -0.16 -2.06 -10.77
N ASN A 77 -0.08 -0.81 -10.30
CA ASN A 77 -1.19 0.09 -10.53
C ASN A 77 -1.26 0.55 -11.98
N ASN A 78 -0.12 0.97 -12.53
CA ASN A 78 0.01 1.21 -13.95
C ASN A 78 -0.52 0.04 -14.79
N TRP A 79 -0.19 -1.21 -14.42
CA TRP A 79 -0.65 -2.39 -15.12
C TRP A 79 -2.18 -2.53 -15.04
N VAL A 80 -2.81 -2.39 -13.85
CA VAL A 80 -4.27 -2.44 -13.86
C VAL A 80 -4.84 -1.40 -14.80
N LEU A 81 -4.49 -0.12 -14.61
CA LEU A 81 -5.16 0.94 -15.35
C LEU A 81 -4.88 0.83 -16.85
N LYS A 82 -3.62 0.73 -17.29
CA LYS A 82 -3.32 0.55 -18.71
C LYS A 82 -3.89 -0.76 -19.23
N GLY A 83 -3.95 -1.78 -18.41
CA GLY A 83 -4.56 -3.03 -18.85
C GLY A 83 -6.06 -2.92 -19.13
N VAL A 84 -6.85 -2.42 -18.20
CA VAL A 84 -8.27 -2.40 -18.41
C VAL A 84 -8.59 -1.36 -19.50
N TYR A 85 -7.65 -0.46 -19.75
CA TYR A 85 -7.84 0.44 -20.87
C TYR A 85 -7.99 -0.31 -22.20
N PHE A 86 -7.10 -1.25 -22.52
CA PHE A 86 -7.21 -1.90 -23.81
C PHE A 86 -8.27 -2.99 -23.81
N ASP A 87 -8.59 -3.50 -22.63
CA ASP A 87 -9.40 -4.69 -22.54
C ASP A 87 -10.86 -4.24 -22.49
N GLU A 88 -11.09 -3.09 -21.89
CA GLU A 88 -12.45 -2.74 -21.60
C GLU A 88 -12.80 -1.34 -22.10
N CYS A 89 -11.80 -0.48 -22.34
CA CYS A 89 -12.13 0.88 -22.72
C CYS A 89 -12.13 0.99 -24.24
N LEU A 90 -11.04 0.54 -24.87
CA LEU A 90 -10.95 0.40 -26.30
C LEU A 90 -11.82 -0.76 -26.78
N LYS A 91 -11.67 -1.96 -26.21
CA LYS A 91 -12.24 -3.11 -26.89
C LYS A 91 -13.69 -3.33 -26.49
N LYS A 92 -14.01 -3.39 -25.20
CA LYS A 92 -15.42 -3.48 -24.82
C LYS A 92 -16.12 -2.12 -24.84
N GLY A 93 -15.42 -1.05 -25.26
CA GLY A 93 -16.00 0.27 -25.42
C GLY A 93 -16.47 1.00 -24.15
N LYS A 94 -16.25 0.44 -22.93
CA LYS A 94 -16.67 1.09 -21.68
C LYS A 94 -15.67 2.14 -21.23
N ASN A 95 -15.91 3.40 -21.60
CA ASN A 95 -14.88 4.41 -21.62
C ASN A 95 -14.85 5.22 -20.35
N HIS A 96 -15.27 4.62 -19.24
CA HIS A 96 -15.28 5.34 -17.98
C HIS A 96 -14.57 4.55 -16.87
N ILE A 97 -13.64 5.21 -16.13
CA ILE A 97 -13.07 4.70 -14.89
C ILE A 97 -13.34 5.63 -13.72
N VAL A 98 -13.89 5.09 -12.63
CA VAL A 98 -14.03 5.88 -11.42
C VAL A 98 -12.92 5.59 -10.39
N THR A 99 -12.45 6.64 -9.72
CA THR A 99 -11.40 6.56 -8.71
C THR A 99 -11.46 7.74 -7.73
N THR A 100 -10.50 7.84 -6.81
CA THR A 100 -10.58 8.89 -5.81
C THR A 100 -9.41 9.85 -5.98
N VAL A 101 -9.40 10.94 -5.18
CA VAL A 101 -8.35 11.95 -5.30
C VAL A 101 -7.23 11.68 -4.29
N ALA A 102 -7.51 10.72 -3.42
CA ALA A 102 -6.59 10.28 -2.38
C ALA A 102 -5.50 9.37 -2.96
N GLU A 103 -5.84 8.74 -4.09
CA GLU A 103 -5.04 7.75 -4.76
C GLU A 103 -3.64 8.30 -4.97
N HIS A 104 -2.65 7.47 -4.72
CA HIS A 104 -1.27 7.90 -4.84
C HIS A 104 -0.98 8.29 -6.29
N PRO A 105 0.01 9.18 -6.50
CA PRO A 105 0.33 9.76 -7.78
C PRO A 105 0.20 8.85 -8.97
N ALA A 106 0.99 7.78 -9.07
CA ALA A 106 1.00 6.93 -10.26
C ALA A 106 -0.41 6.54 -10.67
N VAL A 107 -1.35 6.42 -9.72
CA VAL A 107 -2.68 5.98 -10.09
C VAL A 107 -3.38 7.13 -10.82
N ARG A 108 -3.47 8.29 -10.13
CA ARG A 108 -3.94 9.56 -10.66
C ARG A 108 -3.20 9.87 -11.96
N SER A 109 -1.88 9.95 -11.89
CA SER A 109 -1.09 10.27 -13.04
C SER A 109 -1.39 9.37 -14.25
N THR A 110 -1.54 8.04 -14.07
CA THR A 110 -1.81 7.11 -15.16
C THR A 110 -3.16 7.41 -15.79
N CYS A 111 -4.17 7.58 -14.90
CA CYS A 111 -5.53 7.95 -15.29
C CYS A 111 -5.49 9.20 -16.15
N ASN A 112 -4.74 10.18 -15.66
CA ASN A 112 -4.50 11.41 -16.38
C ASN A 112 -4.15 11.10 -17.82
N PHE A 113 -3.15 10.26 -18.05
CA PHE A 113 -2.71 9.88 -19.38
C PHE A 113 -3.82 9.16 -20.13
N LEU A 114 -4.71 8.47 -19.40
CA LEU A 114 -5.81 7.75 -20.05
C LEU A 114 -6.84 8.73 -20.60
N GLU A 115 -7.06 9.83 -19.85
CA GLU A 115 -7.88 10.92 -20.34
C GLU A 115 -7.28 11.49 -21.61
N SER A 116 -5.96 11.65 -21.64
CA SER A 116 -5.29 12.16 -22.83
C SER A 116 -5.61 11.29 -24.05
N LEU A 117 -6.06 10.05 -23.85
CA LEU A 117 -6.36 9.17 -24.96
C LEU A 117 -7.88 9.08 -25.10
N GLY A 118 -8.55 9.93 -24.32
CA GLY A 118 -9.99 10.11 -24.32
C GLY A 118 -10.74 9.28 -23.27
N VAL A 119 -10.12 8.86 -22.16
CA VAL A 119 -10.95 8.20 -21.16
C VAL A 119 -11.62 9.25 -20.27
N GLU A 120 -12.87 8.93 -19.93
CA GLU A 120 -13.66 9.72 -19.01
C GLU A 120 -13.39 9.16 -17.63
N VAL A 121 -12.76 9.98 -16.79
CA VAL A 121 -12.37 9.50 -15.48
C VAL A 121 -12.98 10.39 -14.40
N THR A 122 -13.75 9.80 -13.47
CA THR A 122 -14.37 10.57 -12.40
C THR A 122 -13.50 10.48 -11.15
N TYR A 123 -12.99 11.62 -10.66
CA TYR A 123 -12.05 11.62 -9.56
C TYR A 123 -12.77 12.00 -8.28
N LEU A 124 -13.31 11.01 -7.57
CA LEU A 124 -14.21 11.21 -6.45
C LEU A 124 -13.60 12.13 -5.41
N PRO A 125 -14.32 13.22 -5.06
CA PRO A 125 -13.87 14.19 -4.07
C PRO A 125 -13.84 13.58 -2.69
N ILE A 126 -12.96 14.11 -1.84
CA ILE A 126 -12.82 13.59 -0.48
C ILE A 126 -13.58 14.53 0.47
N ASN A 127 -14.36 13.97 1.41
CA ASN A 127 -15.33 14.70 2.24
C ASN A 127 -14.64 15.42 3.41
N GLU A 128 -15.41 16.01 4.34
CA GLU A 128 -14.81 16.72 5.46
C GLU A 128 -14.35 15.73 6.55
N HIS A 129 -15.08 14.61 6.72
CA HIS A 129 -14.70 13.54 7.63
C HIS A 129 -13.30 13.05 7.27
N GLY A 130 -12.89 13.33 6.02
CA GLY A 130 -11.58 12.94 5.51
C GLY A 130 -11.61 11.69 4.61
N SER A 131 -12.80 11.26 4.18
CA SER A 131 -12.89 9.95 3.55
C SER A 131 -13.61 10.02 2.22
N ILE A 132 -13.94 8.83 1.72
CA ILE A 132 -14.95 8.58 0.71
C ILE A 132 -16.04 7.80 1.45
N THR A 133 -17.28 7.86 0.92
CA THR A 133 -18.40 7.02 1.34
C THR A 133 -18.76 6.12 0.17
N ALA A 134 -19.10 4.84 0.44
CA ALA A 134 -19.40 3.84 -0.59
C ALA A 134 -20.50 4.29 -1.55
N GLU A 135 -21.43 5.07 -0.99
CA GLU A 135 -22.61 5.54 -1.69
C GLU A 135 -22.17 6.47 -2.83
N GLN A 136 -21.09 7.25 -2.60
CA GLN A 136 -20.49 8.09 -3.63
C GLN A 136 -20.10 7.23 -4.83
N VAL A 137 -19.47 6.09 -4.56
CA VAL A 137 -19.05 5.25 -5.66
C VAL A 137 -20.27 4.83 -6.46
N ARG A 138 -21.31 4.35 -5.76
CA ARG A 138 -22.55 3.98 -6.42
C ARG A 138 -22.88 5.06 -7.46
N GLU A 139 -22.97 6.30 -6.98
CA GLU A 139 -23.50 7.40 -7.77
C GLU A 139 -22.76 7.57 -9.11
N ALA A 140 -21.54 7.03 -9.27
CA ALA A 140 -20.72 7.50 -10.38
C ALA A 140 -20.56 6.44 -11.48
N ILE A 141 -21.00 5.22 -11.16
CA ILE A 141 -20.96 4.09 -12.07
C ILE A 141 -22.04 4.23 -13.15
N THR A 142 -21.70 4.98 -14.21
CA THR A 142 -22.32 4.83 -15.53
C THR A 142 -22.17 3.38 -15.97
N GLU A 143 -23.15 2.80 -16.64
CA GLU A 143 -22.94 1.40 -16.96
C GLU A 143 -21.89 1.24 -18.08
N LYS A 144 -21.38 2.36 -18.61
CA LYS A 144 -20.22 2.25 -19.50
C LYS A 144 -18.92 2.47 -18.71
N THR A 145 -18.97 2.14 -17.41
CA THR A 145 -17.81 2.16 -16.51
C THR A 145 -17.05 0.84 -16.64
N ALA A 146 -15.73 0.91 -16.87
CA ALA A 146 -14.83 -0.25 -16.95
C ALA A 146 -14.30 -0.66 -15.56
N LEU A 147 -14.04 0.30 -14.68
CA LEU A 147 -13.29 -0.03 -13.47
C LEU A 147 -13.50 0.99 -12.32
N VAL A 148 -13.65 0.47 -11.10
CA VAL A 148 -13.53 1.30 -9.93
C VAL A 148 -12.21 0.91 -9.24
N SER A 149 -11.46 1.96 -8.85
CA SER A 149 -10.19 1.87 -8.15
C SER A 149 -10.27 2.71 -6.87
N VAL A 150 -10.25 2.07 -5.70
CA VAL A 150 -10.17 2.85 -4.47
C VAL A 150 -9.13 2.25 -3.53
N MET A 151 -8.19 3.11 -3.09
CA MET A 151 -7.15 2.70 -2.16
C MET A 151 -7.76 2.12 -0.89
N TRP A 152 -7.05 1.18 -0.29
CA TRP A 152 -7.62 0.60 0.91
C TRP A 152 -7.48 1.56 2.10
N ALA A 153 -6.28 2.01 2.37
CA ALA A 153 -6.14 3.08 3.33
C ALA A 153 -5.27 4.12 2.65
N ASN A 154 -5.45 5.36 3.12
CA ASN A 154 -4.80 6.56 2.63
C ASN A 154 -3.45 6.70 3.31
N ASN A 155 -2.42 7.05 2.54
CA ASN A 155 -1.06 7.07 3.03
C ASN A 155 -0.77 8.33 3.84
N GLU A 156 -1.66 9.31 3.75
CA GLU A 156 -1.47 10.51 4.56
C GLU A 156 -2.22 10.42 5.88
N THR A 157 -3.54 10.28 5.78
CA THR A 157 -4.43 10.43 6.93
C THR A 157 -4.31 9.19 7.83
N GLY A 158 -4.06 8.03 7.19
CA GLY A 158 -4.15 6.71 7.79
C GLY A 158 -5.56 6.13 7.57
N LEU A 159 -6.40 6.87 6.85
CA LEU A 159 -7.84 6.65 6.93
C LEU A 159 -8.27 5.48 6.08
N ILE A 160 -8.90 4.52 6.71
CA ILE A 160 -9.36 3.34 5.98
C ILE A 160 -10.62 3.69 5.17
N PHE A 161 -10.67 3.35 3.88
CA PHE A 161 -11.87 3.58 3.10
C PHE A 161 -12.81 2.38 3.15
N PRO A 162 -14.10 2.50 2.75
CA PRO A 162 -15.10 1.43 2.94
C PRO A 162 -15.05 0.32 1.89
N ILE A 163 -14.04 -0.56 2.02
CA ILE A 163 -13.64 -1.31 0.84
C ILE A 163 -14.64 -2.44 0.59
N GLU A 164 -15.09 -3.07 1.68
CA GLU A 164 -15.93 -4.25 1.56
C GLU A 164 -17.27 -3.85 0.92
N GLU A 165 -17.79 -2.69 1.35
CA GLU A 165 -18.96 -2.08 0.79
C GLU A 165 -18.80 -1.79 -0.69
N ILE A 166 -17.70 -1.15 -1.09
CA ILE A 166 -17.47 -0.88 -2.50
C ILE A 166 -17.41 -2.21 -3.26
N GLY A 167 -16.92 -3.28 -2.65
CA GLY A 167 -16.86 -4.59 -3.29
C GLY A 167 -18.23 -5.08 -3.72
N ALA A 168 -19.18 -4.93 -2.79
CA ALA A 168 -20.62 -5.17 -2.98
C ALA A 168 -21.15 -4.38 -4.17
N ILE A 169 -21.11 -3.05 -4.03
CA ILE A 169 -21.54 -2.14 -5.08
C ILE A 169 -20.97 -2.60 -6.42
N CYS A 170 -19.73 -3.05 -6.42
CA CYS A 170 -19.08 -3.42 -7.67
C CYS A 170 -19.64 -4.74 -8.18
N LYS A 171 -19.86 -5.67 -7.26
CA LYS A 171 -20.35 -7.00 -7.61
C LYS A 171 -21.73 -6.88 -8.27
N GLU A 172 -22.57 -6.09 -7.57
CA GLU A 172 -23.95 -5.83 -7.90
C GLU A 172 -23.99 -5.19 -9.28
N LYS A 173 -23.27 -4.09 -9.43
CA LYS A 173 -23.31 -3.38 -10.68
C LYS A 173 -22.50 -4.11 -11.78
N GLY A 174 -21.82 -5.24 -11.45
CA GLY A 174 -21.00 -6.03 -12.38
C GLY A 174 -19.75 -5.31 -12.92
N VAL A 175 -19.20 -4.35 -12.16
CA VAL A 175 -18.03 -3.61 -12.64
C VAL A 175 -16.76 -4.11 -11.93
N LEU A 176 -15.63 -3.96 -12.63
CA LEU A 176 -14.32 -4.40 -12.19
C LEU A 176 -13.82 -3.53 -11.05
N PHE A 177 -13.33 -4.22 -10.00
CA PHE A 177 -12.88 -3.56 -8.78
C PHE A 177 -11.40 -3.73 -8.45
N HIS A 178 -10.72 -2.58 -8.31
CA HIS A 178 -9.33 -2.59 -7.94
C HIS A 178 -9.10 -1.77 -6.68
N THR A 179 -8.41 -2.40 -5.73
CA THR A 179 -7.97 -1.66 -4.55
C THR A 179 -6.44 -1.70 -4.43
N ASP A 180 -5.86 -0.49 -4.36
CA ASP A 180 -4.49 -0.28 -3.97
C ASP A 180 -4.44 -0.38 -2.45
N ALA A 181 -3.88 -1.50 -2.02
CA ALA A 181 -3.92 -1.91 -0.62
C ALA A 181 -2.62 -1.53 0.11
N VAL A 182 -1.78 -0.74 -0.56
CA VAL A 182 -0.37 -0.70 -0.24
C VAL A 182 -0.13 -0.31 1.21
N GLN A 183 -1.02 0.54 1.78
CA GLN A 183 -0.87 1.10 3.12
C GLN A 183 -1.73 0.37 4.17
N ALA A 184 -2.53 -0.64 3.71
CA ALA A 184 -3.27 -1.64 4.51
C ALA A 184 -2.46 -2.89 4.94
N ILE A 185 -1.67 -3.52 4.03
CA ILE A 185 -0.89 -4.72 4.38
C ILE A 185 -0.10 -4.43 5.65
N GLY A 186 -0.33 -5.27 6.66
CA GLY A 186 0.55 -5.26 7.83
C GLY A 186 -0.04 -4.38 8.93
N LYS A 187 -0.91 -3.45 8.51
CA LYS A 187 -1.50 -2.44 9.38
C LYS A 187 -2.85 -2.95 9.89
N ILE A 188 -3.57 -3.70 9.04
CA ILE A 188 -4.88 -4.22 9.33
C ILE A 188 -5.07 -5.43 8.44
N PRO A 189 -6.07 -6.32 8.67
CA PRO A 189 -6.20 -7.56 7.91
C PRO A 189 -6.65 -7.23 6.50
N VAL A 190 -6.14 -7.98 5.50
CA VAL A 190 -6.60 -7.80 4.14
C VAL A 190 -7.23 -9.07 3.56
N ASP A 191 -8.48 -8.93 3.10
CA ASP A 191 -9.19 -10.08 2.58
C ASP A 191 -9.77 -9.77 1.20
N VAL A 192 -9.13 -10.30 0.15
CA VAL A 192 -9.56 -9.96 -1.20
C VAL A 192 -10.94 -10.52 -1.44
N LEU A 193 -11.32 -11.48 -0.58
CA LEU A 193 -12.51 -12.30 -0.79
C LEU A 193 -13.69 -11.48 -0.31
N LYS A 194 -13.51 -10.97 0.91
CA LYS A 194 -14.41 -10.03 1.58
C LYS A 194 -14.54 -8.75 0.77
N ALA A 195 -13.50 -8.46 -0.03
CA ALA A 195 -13.40 -7.19 -0.72
C ALA A 195 -14.00 -7.27 -2.12
N ASN A 196 -14.41 -8.48 -2.55
CA ASN A 196 -14.77 -8.70 -3.94
C ASN A 196 -13.91 -7.85 -4.86
N ALA A 197 -12.61 -7.94 -4.61
CA ALA A 197 -11.56 -7.30 -5.35
C ALA A 197 -11.27 -8.18 -6.57
N ASP A 198 -11.28 -7.57 -7.75
CA ASP A 198 -10.78 -8.27 -8.90
C ASP A 198 -9.26 -8.13 -8.94
N PHE A 199 -8.80 -6.97 -8.47
CA PHE A 199 -7.42 -6.55 -8.60
C PHE A 199 -6.97 -5.99 -7.26
N LEU A 200 -5.84 -6.49 -6.70
CA LEU A 200 -5.26 -5.85 -5.50
C LEU A 200 -3.74 -5.67 -5.61
N SER A 201 -3.25 -4.50 -5.13
CA SER A 201 -1.89 -4.01 -5.26
C SER A 201 -1.21 -4.00 -3.90
N PHE A 202 0.08 -4.32 -3.86
CA PHE A 202 0.85 -4.01 -2.66
C PHE A 202 2.34 -3.81 -2.97
N SER A 203 3.07 -3.19 -2.04
CA SER A 203 4.49 -3.02 -2.24
C SER A 203 5.18 -3.58 -1.00
N ALA A 204 6.29 -4.27 -1.18
CA ALA A 204 6.86 -5.07 -0.13
C ALA A 204 7.42 -4.15 0.95
N HIS A 205 8.00 -3.04 0.49
CA HIS A 205 8.81 -2.20 1.39
C HIS A 205 7.93 -1.45 2.41
N LYS A 206 6.60 -1.55 2.35
CA LYS A 206 5.80 -0.84 3.33
C LYS A 206 5.51 -1.80 4.52
N PHE A 207 5.98 -3.05 4.46
CA PHE A 207 5.80 -4.07 5.51
C PHE A 207 7.10 -4.86 5.68
N HIS A 208 8.19 -4.13 5.72
CA HIS A 208 9.45 -4.67 6.18
C HIS A 208 10.05 -5.64 5.18
N GLY A 209 9.71 -5.52 3.87
CA GLY A 209 10.48 -6.18 2.80
C GLY A 209 11.33 -5.24 1.98
N PRO A 210 12.19 -5.68 1.05
CA PRO A 210 12.95 -4.74 0.23
C PRO A 210 12.08 -3.90 -0.72
N LYS A 211 12.68 -2.77 -1.11
CA LYS A 211 12.05 -1.89 -2.07
C LYS A 211 12.38 -2.53 -3.42
N GLY A 212 11.45 -2.52 -4.39
CA GLY A 212 11.84 -3.11 -5.67
C GLY A 212 11.06 -4.37 -6.02
N ILE A 213 9.94 -4.57 -5.32
CA ILE A 213 9.07 -5.72 -5.48
C ILE A 213 7.74 -5.39 -4.84
N GLY A 214 6.72 -5.89 -5.51
CA GLY A 214 5.36 -5.78 -5.05
C GLY A 214 4.49 -6.83 -5.74
N GLY A 215 3.17 -6.73 -5.52
CA GLY A 215 2.33 -7.76 -6.09
C GLY A 215 1.07 -7.18 -6.68
N LEU A 216 0.54 -7.94 -7.64
CA LEU A 216 -0.82 -7.72 -8.08
C LEU A 216 -1.56 -9.04 -8.00
N TYR A 217 -2.62 -9.03 -7.16
CA TYR A 217 -3.58 -10.12 -7.02
C TYR A 217 -4.55 -9.97 -8.19
N ILE A 218 -4.83 -11.04 -8.95
CA ILE A 218 -5.89 -11.06 -9.97
C ILE A 218 -6.82 -12.23 -9.67
N ARG A 219 -8.13 -11.95 -9.55
CA ARG A 219 -9.19 -12.94 -9.36
C ARG A 219 -9.21 -13.98 -10.50
N SER A 220 -9.54 -15.24 -10.15
CA SER A 220 -9.61 -16.27 -11.17
C SER A 220 -10.55 -15.87 -12.29
N GLY A 221 -10.05 -16.03 -13.53
CA GLY A 221 -10.86 -15.85 -14.71
C GLY A 221 -10.69 -14.47 -15.35
N VAL A 222 -10.70 -13.41 -14.52
CA VAL A 222 -10.55 -12.01 -14.91
C VAL A 222 -9.16 -11.83 -15.51
N GLY A 223 -9.09 -11.05 -16.58
CA GLY A 223 -7.93 -10.99 -17.45
C GLY A 223 -7.38 -9.56 -17.55
N LEU A 224 -6.15 -9.43 -18.01
CA LEU A 224 -5.50 -8.14 -17.91
C LEU A 224 -4.33 -8.21 -18.84
N THR A 225 -4.41 -7.50 -19.98
CA THR A 225 -3.40 -7.55 -21.01
C THR A 225 -2.12 -7.17 -20.32
N PRO A 226 -1.00 -7.90 -20.50
CA PRO A 226 0.26 -7.65 -19.79
C PRO A 226 0.81 -6.25 -19.92
N LEU A 227 1.48 -5.80 -18.87
CA LEU A 227 2.16 -4.54 -19.04
C LEU A 227 3.59 -4.88 -19.38
N PHE A 228 4.01 -6.12 -19.06
CA PHE A 228 5.28 -6.62 -19.52
C PHE A 228 5.01 -7.83 -20.40
N HIS A 229 4.88 -7.61 -21.69
CA HIS A 229 4.81 -8.70 -22.65
C HIS A 229 6.13 -9.44 -22.71
N GLY A 230 6.02 -10.70 -23.13
CA GLY A 230 7.18 -11.55 -23.38
C GLY A 230 6.75 -12.95 -23.02
N GLY A 231 5.69 -12.93 -22.18
CA GLY A 231 4.93 -14.01 -21.57
C GLY A 231 5.72 -15.21 -21.04
N GLU A 232 7.02 -15.11 -20.69
CA GLU A 232 7.81 -16.26 -20.27
C GLU A 232 7.62 -16.57 -18.80
N HIS A 233 7.11 -15.64 -17.97
CA HIS A 233 7.06 -15.90 -16.54
C HIS A 233 5.69 -15.49 -16.07
N MET A 234 5.34 -15.93 -14.85
CA MET A 234 4.15 -15.65 -14.07
C MET A 234 2.85 -15.93 -14.79
N ASN A 235 2.74 -17.15 -15.33
CA ASN A 235 1.77 -17.62 -16.33
C ASN A 235 1.62 -16.53 -17.39
N GLY A 236 2.73 -16.09 -17.98
CA GLY A 236 2.71 -15.14 -19.10
C GLY A 236 2.29 -13.72 -18.76
N ARG A 237 1.69 -13.48 -17.58
CA ARG A 237 1.09 -12.21 -17.20
C ARG A 237 2.09 -11.08 -16.89
N ARG A 238 3.37 -11.43 -16.61
CA ARG A 238 4.40 -10.45 -16.36
C ARG A 238 5.76 -11.07 -16.64
N SER A 239 6.21 -10.97 -17.90
CA SER A 239 7.50 -11.53 -18.31
C SER A 239 8.68 -10.85 -17.60
N GLY A 240 9.85 -11.46 -17.70
CA GLY A 240 11.04 -10.92 -17.08
C GLY A 240 11.46 -11.74 -15.85
N THR A 241 12.80 -11.96 -15.76
CA THR A 241 13.43 -12.92 -14.89
C THR A 241 13.08 -12.59 -13.43
N LEU A 242 12.97 -13.68 -12.65
CA LEU A 242 12.41 -13.52 -11.31
C LEU A 242 13.45 -13.00 -10.33
N ASN A 243 13.00 -12.08 -9.49
CA ASN A 243 13.84 -11.50 -8.47
C ASN A 243 13.73 -12.39 -7.23
N VAL A 244 14.39 -13.57 -7.33
CA VAL A 244 14.27 -14.70 -6.42
C VAL A 244 14.42 -14.13 -5.04
N PRO A 245 15.55 -13.40 -4.76
CA PRO A 245 15.86 -12.93 -3.42
C PRO A 245 14.67 -12.18 -2.85
N TYR A 246 14.20 -11.22 -3.66
CA TYR A 246 13.16 -10.31 -3.19
C TYR A 246 11.85 -11.09 -2.97
N ILE A 247 11.56 -12.05 -3.86
CA ILE A 247 10.33 -12.78 -3.76
C ILE A 247 10.34 -13.51 -2.41
N VAL A 248 11.42 -14.30 -2.20
CA VAL A 248 11.61 -15.08 -0.99
C VAL A 248 11.48 -14.17 0.22
N GLY A 249 12.11 -12.98 0.14
CA GLY A 249 12.04 -11.96 1.19
C GLY A 249 10.62 -11.48 1.48
N MET A 250 9.92 -11.07 0.43
CA MET A 250 8.58 -10.51 0.50
C MET A 250 7.65 -11.54 1.12
N GLY A 251 7.90 -12.82 0.78
CA GLY A 251 7.18 -13.94 1.35
C GLY A 251 7.19 -13.85 2.88
N GLU A 252 8.42 -13.92 3.43
CA GLU A 252 8.66 -13.83 4.86
C GLU A 252 8.04 -12.54 5.42
N ALA A 253 8.29 -11.46 4.68
CA ALA A 253 7.89 -10.12 5.09
C ALA A 253 6.38 -10.17 5.34
N MET A 254 5.63 -10.67 4.33
CA MET A 254 4.18 -10.85 4.31
C MET A 254 3.74 -11.66 5.52
N LYS A 255 4.32 -12.88 5.61
CA LYS A 255 4.05 -13.80 6.72
C LYS A 255 4.08 -13.08 8.07
N LEU A 256 5.26 -12.52 8.39
CA LEU A 256 5.53 -11.82 9.64
C LEU A 256 4.57 -10.67 9.80
N ALA A 257 4.15 -10.05 8.67
CA ALA A 257 3.41 -8.80 8.75
C ALA A 257 2.04 -9.04 9.39
N VAL A 258 1.43 -10.20 9.03
CA VAL A 258 0.09 -10.65 9.43
C VAL A 258 0.17 -11.20 10.84
N GLU A 259 1.31 -11.80 11.20
CA GLU A 259 1.51 -12.43 12.49
C GLU A 259 1.55 -11.32 13.53
N HIS A 260 1.91 -10.13 13.08
CA HIS A 260 2.07 -9.06 14.03
C HIS A 260 0.82 -8.21 14.00
N LEU A 261 -0.28 -8.72 13.43
CA LEU A 261 -1.46 -7.90 13.17
C LEU A 261 -2.10 -7.46 14.49
N ASP A 262 -2.13 -8.39 15.47
CA ASP A 262 -2.64 -8.09 16.80
C ASP A 262 -1.72 -7.08 17.45
N TYR A 263 -0.42 -7.33 17.39
CA TYR A 263 0.53 -6.42 18.01
C TYR A 263 0.39 -5.03 17.37
N GLU A 264 0.01 -4.95 16.10
CA GLU A 264 -0.10 -3.64 15.45
C GLU A 264 -1.21 -2.82 16.11
N LYS A 265 -2.36 -3.50 16.33
CA LYS A 265 -3.54 -2.94 16.98
C LYS A 265 -3.28 -2.68 18.47
N GLU A 266 -2.66 -3.64 19.17
CA GLU A 266 -2.56 -3.67 20.63
C GLU A 266 -1.54 -2.64 21.08
N VAL A 267 -0.41 -2.55 20.38
CA VAL A 267 0.78 -1.95 20.96
C VAL A 267 1.14 -0.73 20.13
N VAL A 268 1.20 -0.94 18.81
CA VAL A 268 1.68 0.12 17.94
C VAL A 268 0.62 1.23 17.90
N GLY A 269 -0.66 0.82 17.79
CA GLY A 269 -1.77 1.75 17.90
C GLY A 269 -1.75 2.45 19.26
N LYS A 270 -1.43 1.70 20.32
CA LYS A 270 -1.39 2.31 21.64
C LYS A 270 -0.29 3.36 21.72
N LEU A 271 0.88 3.05 21.13
CA LEU A 271 2.01 3.97 21.05
C LEU A 271 1.67 5.20 20.21
N ARG A 272 0.81 5.03 19.20
CA ARG A 272 0.32 6.10 18.32
C ARG A 272 -0.60 7.03 19.13
N ASP A 273 -1.44 6.44 19.99
CA ASP A 273 -2.34 7.26 20.79
C ASP A 273 -1.55 8.00 21.87
N LYS A 274 -0.55 7.35 22.46
CA LYS A 274 0.32 7.99 23.45
C LYS A 274 0.98 9.23 22.86
N LEU A 275 1.52 9.08 21.64
CA LEU A 275 2.13 10.17 20.91
C LEU A 275 1.08 11.20 20.54
N GLU A 276 -0.08 10.77 20.06
CA GLU A 276 -1.06 11.68 19.48
C GLU A 276 -1.72 12.50 20.57
N GLU A 277 -2.03 11.85 21.70
CA GLU A 277 -2.62 12.46 22.90
C GLU A 277 -1.88 13.76 23.21
N ALA A 278 -0.60 13.57 23.56
CA ALA A 278 0.29 14.58 24.11
C ALA A 278 0.46 15.75 23.14
N LEU A 279 0.75 15.36 21.89
CA LEU A 279 0.96 16.35 20.85
C LEU A 279 -0.28 17.23 20.72
N LEU A 280 -1.45 16.57 20.71
CA LEU A 280 -2.74 17.21 20.54
C LEU A 280 -2.98 18.21 21.67
N LYS A 281 -2.57 17.88 22.90
CA LYS A 281 -2.64 18.75 24.06
C LYS A 281 -2.01 20.14 23.89
N ILE A 282 -0.80 20.26 23.31
CA ILE A 282 -0.14 21.56 23.17
C ILE A 282 -0.87 22.50 22.20
N PRO A 283 -0.77 23.85 22.36
CA PRO A 283 -1.64 24.82 21.68
C PRO A 283 -1.83 24.73 20.17
N ASP A 284 -3.10 24.74 19.73
CA ASP A 284 -3.54 24.76 18.34
C ASP A 284 -2.88 23.71 17.46
N VAL A 285 -2.98 22.46 17.89
CA VAL A 285 -2.49 21.30 17.17
C VAL A 285 -3.64 20.32 17.04
N MET A 286 -4.14 20.16 15.80
CA MET A 286 -5.25 19.28 15.51
C MET A 286 -4.80 18.19 14.55
N VAL A 287 -5.47 17.03 14.63
CA VAL A 287 -5.21 15.87 13.80
C VAL A 287 -6.04 16.04 12.53
N VAL A 288 -5.44 15.83 11.35
CA VAL A 288 -6.18 15.90 10.10
C VAL A 288 -6.99 14.61 9.83
N GLY A 289 -8.31 14.83 9.75
CA GLY A 289 -9.29 13.81 9.43
C GLY A 289 -9.80 13.05 10.65
N ASP A 290 -10.77 12.17 10.38
CA ASP A 290 -11.32 11.20 11.33
C ASP A 290 -10.20 10.50 12.09
N ARG A 291 -10.41 10.28 13.39
CA ARG A 291 -9.42 9.63 14.22
C ARG A 291 -9.83 8.19 14.51
N ILE A 292 -10.94 7.74 13.90
CA ILE A 292 -11.59 6.51 14.31
C ILE A 292 -11.31 5.37 13.34
N HIS A 293 -11.45 5.58 12.02
CA HIS A 293 -11.21 4.44 11.14
C HIS A 293 -9.88 4.57 10.42
N ARG A 294 -8.83 4.36 11.20
CA ARG A 294 -7.47 4.61 10.75
C ARG A 294 -6.63 3.37 10.98
N VAL A 295 -5.70 3.09 10.05
CA VAL A 295 -4.66 2.13 10.33
C VAL A 295 -4.05 2.51 11.69
N PRO A 296 -3.64 1.53 12.52
CA PRO A 296 -3.18 1.84 13.88
C PRO A 296 -1.98 2.77 14.08
N ASN A 297 -1.14 2.97 13.02
CA ASN A 297 0.24 3.40 13.23
C ASN A 297 0.45 4.85 12.79
N THR A 298 -0.55 5.43 12.12
CA THR A 298 -0.41 6.75 11.52
C THR A 298 -1.16 7.84 12.30
N THR A 299 -0.53 9.02 12.37
CA THR A 299 -1.16 10.25 12.82
C THR A 299 -0.58 11.41 12.02
N LEU A 300 -1.49 12.27 11.61
CA LEU A 300 -1.17 13.40 10.77
C LEU A 300 -1.65 14.68 11.46
N VAL A 301 -0.71 15.44 12.01
CA VAL A 301 -1.02 16.60 12.84
C VAL A 301 -0.64 17.87 12.08
N SER A 302 -1.42 18.90 12.35
CA SER A 302 -1.08 20.24 11.91
C SER A 302 -0.81 21.09 13.15
N VAL A 303 0.10 22.05 13.02
CA VAL A 303 0.27 23.04 14.07
C VAL A 303 0.01 24.42 13.44
N ARG A 304 -1.07 25.11 13.85
CA ARG A 304 -1.46 26.38 13.24
C ARG A 304 -0.26 27.34 13.37
N GLY A 305 0.13 27.95 12.24
CA GLY A 305 1.20 28.92 12.27
C GLY A 305 2.60 28.37 12.00
N ILE A 306 2.83 27.08 12.29
CA ILE A 306 4.09 26.45 11.93
C ILE A 306 3.87 25.67 10.63
N GLU A 307 4.63 26.03 9.58
CA GLU A 307 4.67 25.18 8.40
C GLU A 307 5.23 23.80 8.76
N GLY A 308 4.66 22.76 8.14
CA GLY A 308 5.04 21.39 8.43
C GLY A 308 6.45 21.11 7.92
N GLU A 309 6.76 21.63 6.72
CA GLU A 309 8.08 21.43 6.16
C GLU A 309 9.13 21.94 7.15
N ALA A 310 8.81 23.01 7.89
CA ALA A 310 9.72 23.64 8.82
C ALA A 310 9.90 22.79 10.08
N MET A 311 8.80 22.20 10.56
CA MET A 311 8.77 21.31 11.70
C MET A 311 9.61 20.07 11.44
N LEU A 312 9.54 19.57 10.20
CA LEU A 312 10.24 18.35 9.83
C LEU A 312 11.73 18.59 9.82
N TRP A 313 12.13 19.73 9.20
CA TRP A 313 13.53 20.10 9.10
C TRP A 313 14.17 20.05 10.47
N ASP A 314 13.47 20.69 11.41
CA ASP A 314 13.94 20.89 12.77
C ASP A 314 14.07 19.54 13.48
N LEU A 315 13.00 18.72 13.38
CA LEU A 315 12.93 17.37 13.92
C LEU A 315 14.07 16.47 13.42
N ASN A 316 14.41 16.64 12.15
CA ASN A 316 15.48 15.90 11.53
C ASN A 316 16.79 16.14 12.28
N ARG A 317 17.01 17.41 12.67
CA ARG A 317 18.19 17.88 13.36
C ARG A 317 18.36 17.13 14.68
N SER A 318 17.27 16.77 15.36
CA SER A 318 17.33 15.98 16.60
C SER A 318 17.20 14.48 16.33
N ASN A 319 17.40 14.10 15.05
CA ASN A 319 17.54 12.74 14.55
C ASN A 319 16.20 12.03 14.65
N ILE A 320 15.13 12.75 14.29
CA ILE A 320 13.80 12.15 14.24
C ILE A 320 13.22 12.31 12.84
N ALA A 321 12.81 11.18 12.23
CA ALA A 321 12.47 11.12 10.81
C ALA A 321 10.97 10.94 10.64
N ALA A 322 10.35 11.89 9.92
CA ALA A 322 8.92 12.03 9.74
C ALA A 322 8.71 12.70 8.38
N SER A 323 7.44 12.78 7.91
CA SER A 323 7.13 13.37 6.61
C SER A 323 5.92 14.30 6.68
N THR A 324 5.56 14.85 5.51
CA THR A 324 4.53 15.86 5.36
C THR A 324 3.30 15.28 4.62
N GLY A 325 2.12 15.49 5.20
CA GLY A 325 0.86 15.40 4.45
C GLY A 325 0.07 16.70 4.44
N SER A 326 -0.53 17.05 3.28
CA SER A 326 -1.30 18.30 3.09
C SER A 326 -2.67 18.31 3.77
N ALA A 327 -3.08 19.54 4.17
CA ALA A 327 -4.29 19.84 4.91
C ALA A 327 -4.84 21.20 4.46
N HIS A 350 -0.79 25.49 6.02
CA HIS A 350 -1.13 24.69 4.81
C HIS A 350 -0.87 23.19 5.02
N THR A 351 0.43 22.77 5.09
CA THR A 351 0.87 21.36 5.18
C THR A 351 1.11 20.88 6.63
N ALA A 352 0.94 19.55 6.85
CA ALA A 352 0.90 18.90 8.15
C ALA A 352 2.02 17.86 8.28
N ILE A 353 2.16 17.28 9.49
CA ILE A 353 3.27 16.40 9.83
C ILE A 353 2.79 14.95 9.85
N ARG A 354 3.46 14.08 9.08
CA ARG A 354 3.06 12.67 8.98
C ARG A 354 3.96 11.75 9.83
N LEU A 355 3.38 11.19 10.91
CA LEU A 355 4.13 10.41 11.87
C LEU A 355 3.63 8.97 11.83
N SER A 356 4.49 8.05 11.37
CA SER A 356 4.03 6.75 10.86
C SER A 356 4.84 5.69 11.57
N LEU A 357 4.25 4.97 12.52
CA LEU A 357 5.03 4.10 13.39
C LEU A 357 5.17 2.71 12.77
N SER A 358 6.12 1.94 13.32
CA SER A 358 6.29 0.55 12.95
C SER A 358 6.37 -0.30 14.21
N ARG A 359 6.58 -1.60 14.02
CA ARG A 359 6.54 -2.49 15.15
C ARG A 359 7.82 -2.32 15.97
N PHE A 360 8.72 -1.45 15.50
CA PHE A 360 10.09 -1.39 16.01
C PHE A 360 10.29 -0.26 17.01
N ASN A 361 9.44 0.78 16.88
CA ASN A 361 9.38 1.89 17.82
C ASN A 361 8.98 1.33 19.21
N THR A 362 9.53 1.95 20.26
CA THR A 362 9.21 1.62 21.65
C THR A 362 8.70 2.87 22.35
N GLU A 363 8.25 2.72 23.61
CA GLU A 363 7.68 3.88 24.32
C GLU A 363 8.73 4.96 24.52
N ALA A 364 9.97 4.55 24.88
CA ALA A 364 11.19 5.36 24.96
C ALA A 364 11.22 6.46 23.89
N GLU A 365 11.16 5.97 22.64
CA GLU A 365 11.27 6.76 21.42
C GLU A 365 10.03 7.66 21.32
N ILE A 366 8.92 7.18 21.89
CA ILE A 366 7.73 7.98 21.79
C ILE A 366 7.84 9.15 22.74
N ASP A 367 8.15 8.84 24.00
CA ASP A 367 8.25 9.89 25.01
C ASP A 367 9.17 10.98 24.47
N LYS A 368 10.37 10.54 24.03
CA LYS A 368 11.40 11.42 23.50
C LYS A 368 10.81 12.28 22.38
N THR A 369 9.95 11.65 21.54
CA THR A 369 9.43 12.38 20.40
C THR A 369 8.55 13.54 20.85
N ILE A 370 7.77 13.29 21.90
CA ILE A 370 6.85 14.28 22.42
C ILE A 370 7.63 15.50 22.97
N GLU A 371 8.64 15.22 23.79
CA GLU A 371 9.60 16.21 24.25
C GLU A 371 10.10 17.07 23.08
N VAL A 372 10.76 16.41 22.10
CA VAL A 372 11.50 17.02 21.00
C VAL A 372 10.57 17.80 20.08
N PHE A 373 9.35 17.27 19.89
CA PHE A 373 8.27 17.92 19.14
C PHE A 373 7.97 19.27 19.78
N SER A 374 7.65 19.22 21.08
CA SER A 374 7.09 20.36 21.79
C SER A 374 8.05 21.53 21.75
N GLN A 375 9.30 21.21 22.14
CA GLN A 375 10.36 22.20 22.22
C GLN A 375 10.59 22.86 20.86
N ALA A 376 10.60 22.03 19.82
CA ALA A 376 10.75 22.51 18.45
C ALA A 376 9.57 23.40 18.03
N ALA A 377 8.39 23.16 18.64
CA ALA A 377 7.14 23.85 18.34
C ALA A 377 7.21 25.33 18.72
N VAL A 378 7.54 25.56 20.00
CA VAL A 378 7.58 26.87 20.61
C VAL A 378 8.58 27.77 19.86
N ARG A 379 9.70 27.18 19.42
CA ARG A 379 10.59 27.81 18.46
C ARG A 379 9.96 27.77 17.05
C1 IPA B . 2.09 -17.58 -11.20
C2 IPA B . 1.29 -17.76 -9.92
C3 IPA B . 1.76 -18.75 -8.86
O2 IPA B . 0.71 -16.52 -9.41
CL CL C . -0.29 -2.31 -21.83
OAV 9ZN D . 6.65 3.52 -4.98
PAU 9ZN D . 5.99 2.03 -4.78
OAX 9ZN D . 7.17 1.32 -3.92
OAW 9ZN D . 5.55 1.23 -6.00
OAT 9ZN D . 4.83 2.29 -3.69
CAS 9ZN D . 4.05 3.39 -4.12
CAR 9ZN D . 2.90 3.51 -3.38
CAM 9ZN D . 1.78 2.85 -3.83
NAN 9ZN D . 0.58 2.98 -3.14
CAJ 9ZN D . 0.48 3.74 -2.04
CAQ 9ZN D . -0.75 3.80 -1.41
CAK 9ZN D . 1.60 4.39 -1.59
OAP 9ZN D . 1.50 5.13 -0.51
CAL 9ZN D . 2.83 4.29 -2.24
CAO 9ZN D . 3.93 4.98 -1.83
N 9ZN D . 3.64 6.15 -1.26
CA 9ZN D . 4.68 7.09 -0.95
C 9ZN D . 4.42 7.85 0.35
OXT 9ZN D . 5.06 8.89 0.46
O 9ZN D . 3.71 7.39 1.26
CB 9ZN D . 4.60 8.01 -2.22
CG2 9ZN D . 5.68 9.14 -2.36
CG1 9ZN D . 3.15 8.53 -2.27
SG 9ZN D . 4.88 7.09 -3.73
#